data_1OW4
#
_entry.id   1OW4
#
_cell.length_a   43.422
_cell.length_b   45.070
_cell.length_c   45.379
_cell.angle_alpha   118.55
_cell.angle_beta   92.63
_cell.angle_gamma   107.17
#
_symmetry.space_group_name_H-M   'P 1'
#
loop_
_entity.id
_entity.type
_entity.pdbx_description
1 polymer 'pheromone binding protein'
2 non-polymer '8-ANILINO-1-NAPHTHALENE SULFONATE'
3 non-polymer GLYCEROL
4 water water
#
_entity_poly.entity_id   1
_entity_poly.type   'polypeptide(L)'
_entity_poly.pdbx_seq_one_letter_code
;MDIGINSDPNSSTQSYKDAMGPLVRECMGSVSATEDDFKTVLNRNPLESRTAQCLLACALDKVGLISPEGAIYTGDDLMP
VMNRLYGFNDFKTVMKAKAVNDCANQVNGAYPDRCDLIKNFTDCVRNSY
;
_entity_poly.pdbx_strand_id   A,B
#
# COMPACT_ATOMS: atom_id res chain seq x y z
N ASN A 10 -6.62 -22.95 6.20
CA ASN A 10 -5.66 -22.07 5.46
C ASN A 10 -6.11 -20.63 5.56
N SER A 11 -5.17 -19.74 5.85
CA SER A 11 -5.45 -18.30 5.92
C SER A 11 -4.42 -17.46 5.17
N SER A 12 -3.53 -18.10 4.41
CA SER A 12 -2.53 -17.36 3.64
C SER A 12 -2.53 -17.67 2.15
N THR A 13 -2.01 -16.66 1.45
CA THR A 13 -1.88 -16.68 0.04
C THR A 13 -0.64 -17.51 -0.26
N GLN A 14 -0.57 -17.92 -1.50
CA GLN A 14 0.61 -18.60 -1.99
C GLN A 14 1.83 -17.68 -1.92
N SER A 15 1.68 -16.36 -2.07
CA SER A 15 2.82 -15.42 -2.03
C SER A 15 3.46 -15.48 -0.64
N TYR A 16 2.61 -15.54 0.39
CA TYR A 16 3.11 -15.59 1.74
C TYR A 16 3.91 -16.87 1.93
N LYS A 17 3.36 -17.97 1.45
CA LYS A 17 4.04 -19.25 1.62
C LYS A 17 5.36 -19.26 0.86
N ASP A 18 5.38 -18.65 -0.32
CA ASP A 18 6.58 -18.68 -1.12
C ASP A 18 7.71 -17.94 -0.41
N ALA A 19 7.36 -16.82 0.22
CA ALA A 19 8.36 -15.99 0.90
C ALA A 19 8.79 -16.58 2.24
N MET A 20 7.82 -17.08 2.97
CA MET A 20 8.07 -17.52 4.36
C MET A 20 8.53 -18.96 4.45
N GLY A 21 8.02 -19.82 3.59
CA GLY A 21 8.37 -21.24 3.63
C GLY A 21 9.84 -21.53 3.86
N PRO A 22 10.71 -20.99 3.03
CA PRO A 22 12.13 -21.28 3.23
C PRO A 22 12.68 -20.84 4.58
N LEU A 23 12.16 -19.74 5.08
CA LEU A 23 12.59 -19.21 6.37
C LEU A 23 12.07 -20.05 7.49
N VAL A 24 10.80 -20.41 7.41
CA VAL A 24 10.20 -21.26 8.44
C VAL A 24 10.94 -22.60 8.47
N ARG A 25 11.24 -23.15 7.29
CA ARG A 25 12.05 -24.37 7.22
C ARG A 25 13.38 -24.24 7.96
N GLU A 26 14.09 -23.15 7.74
CA GLU A 26 15.37 -22.94 8.43
C GLU A 26 15.14 -22.83 9.94
N CYS A 27 14.04 -22.18 10.31
CA CYS A 27 13.68 -22.02 11.72
C CYS A 27 13.36 -23.32 12.44
N MET A 28 12.93 -24.32 11.71
CA MET A 28 12.67 -25.62 12.30
C MET A 28 13.93 -26.20 12.96
N GLY A 29 15.10 -25.73 12.50
CA GLY A 29 16.39 -26.12 13.03
C GLY A 29 16.82 -25.40 14.30
N SER A 30 16.13 -24.31 14.64
CA SER A 30 16.46 -23.55 15.84
C SER A 30 15.29 -23.40 16.79
N VAL A 31 14.15 -23.96 16.42
CA VAL A 31 12.93 -23.95 17.23
C VAL A 31 12.37 -25.38 17.25
N SER A 32 12.03 -25.87 18.43
CA SER A 32 11.64 -27.25 18.65
C SER A 32 10.13 -27.43 18.29
N ALA A 33 9.77 -27.08 17.05
CA ALA A 33 8.38 -27.08 16.58
C ALA A 33 8.08 -28.36 15.84
N THR A 34 6.80 -28.68 15.78
CA THR A 34 6.31 -29.89 15.09
C THR A 34 6.03 -29.64 13.63
N GLU A 35 5.89 -30.73 12.88
CA GLU A 35 5.47 -30.60 11.49
C GLU A 35 4.05 -29.96 11.38
N ASP A 36 3.15 -30.21 12.34
CA ASP A 36 1.84 -29.55 12.32
C ASP A 36 2.06 -28.03 12.50
N ASP A 37 3.01 -27.65 13.36
CA ASP A 37 3.32 -26.24 13.56
C ASP A 37 3.81 -25.56 12.27
N PHE A 38 4.61 -26.28 11.50
CA PHE A 38 5.04 -25.76 10.22
C PHE A 38 3.83 -25.39 9.37
N LYS A 39 2.88 -26.33 9.21
CA LYS A 39 1.65 -26.03 8.50
C LYS A 39 0.85 -24.87 9.08
N THR A 40 0.70 -24.82 10.39
CA THR A 40 0.01 -23.70 11.04
C THR A 40 0.61 -22.37 10.63
N VAL A 41 1.93 -22.28 10.69
CA VAL A 41 2.61 -21.06 10.40
C VAL A 41 2.54 -20.71 8.91
N LEU A 42 2.78 -21.67 8.03
CA LEU A 42 2.71 -21.42 6.60
C LEU A 42 1.34 -20.95 6.17
N ASN A 43 0.32 -21.52 6.80
CA ASN A 43 -1.07 -21.20 6.50
C ASN A 43 -1.57 -19.91 7.18
N ARG A 44 -0.72 -19.31 7.99
CA ARG A 44 -1.00 -18.05 8.69
C ARG A 44 -2.25 -18.26 9.58
N ASN A 45 -2.34 -19.44 10.17
CA ASN A 45 -3.45 -19.79 11.06
C ASN A 45 -3.19 -19.25 12.44
N PRO A 46 -4.21 -19.20 13.28
CA PRO A 46 -3.99 -18.88 14.70
C PRO A 46 -2.88 -19.75 15.32
N LEU A 47 -2.00 -19.10 16.07
CA LEU A 47 -0.81 -19.73 16.60
C LEU A 47 -1.16 -20.24 17.99
N GLU A 48 -1.90 -21.32 18.03
CA GLU A 48 -2.39 -21.82 19.31
C GLU A 48 -1.28 -22.35 20.20
N SER A 49 -0.37 -23.14 19.63
CA SER A 49 0.74 -23.71 20.36
C SER A 49 1.87 -22.71 20.52
N ARG A 50 2.49 -22.74 21.69
CA ARG A 50 3.67 -21.94 21.93
C ARG A 50 4.78 -22.23 20.95
N THR A 51 4.96 -23.50 20.56
CA THR A 51 5.93 -23.83 19.54
C THR A 51 5.63 -23.11 18.22
N ALA A 52 4.37 -23.04 17.78
CA ALA A 52 4.06 -22.31 16.56
C ALA A 52 4.35 -20.80 16.67
N GLN A 53 4.10 -20.23 17.85
CA GLN A 53 4.35 -18.82 18.12
C GLN A 53 5.84 -18.55 17.98
N CYS A 54 6.66 -19.43 18.55
CA CYS A 54 8.09 -19.28 18.50
C CYS A 54 8.66 -19.51 17.11
N LEU A 55 8.03 -20.42 16.37
CA LEU A 55 8.47 -20.73 15.02
C LEU A 55 8.25 -19.51 14.12
N LEU A 56 7.07 -18.89 14.20
CA LEU A 56 6.82 -17.69 13.44
C LEU A 56 7.71 -16.53 13.89
N ALA A 57 7.93 -16.40 15.18
CA ALA A 57 8.79 -15.38 15.69
C ALA A 57 10.18 -15.43 15.02
N CYS A 58 10.70 -16.65 14.93
CA CYS A 58 12.02 -16.85 14.30
C CYS A 58 11.91 -16.41 12.83
N ALA A 59 10.88 -16.84 12.11
CA ALA A 59 10.78 -16.57 10.68
C ALA A 59 10.54 -15.10 10.37
N LEU A 60 9.79 -14.43 11.23
CA LEU A 60 9.53 -13.00 11.03
C LEU A 60 10.81 -12.18 11.25
N ASP A 61 11.67 -12.66 12.15
CA ASP A 61 12.99 -12.05 12.34
C ASP A 61 13.79 -12.23 11.04
N LYS A 62 13.73 -13.41 10.47
CA LYS A 62 14.47 -13.67 9.23
C LYS A 62 13.96 -12.88 8.04
N VAL A 63 12.67 -12.63 7.99
CA VAL A 63 12.04 -11.91 6.88
C VAL A 63 12.24 -10.39 6.93
N GLY A 64 12.70 -9.89 8.07
CA GLY A 64 13.08 -8.49 8.24
C GLY A 64 12.05 -7.68 9.00
N LEU A 65 11.15 -8.32 9.76
CA LEU A 65 10.08 -7.61 10.44
C LEU A 65 10.42 -7.16 11.85
N ILE A 66 11.54 -7.65 12.35
CA ILE A 66 11.91 -7.46 13.75
C ILE A 66 13.22 -6.71 13.86
N SER A 67 13.19 -5.68 14.69
CA SER A 67 14.34 -4.81 14.90
C SER A 67 15.38 -5.55 15.73
N PRO A 68 16.61 -5.05 15.73
CA PRO A 68 17.66 -5.63 16.58
C PRO A 68 17.23 -5.70 18.06
N GLU A 69 16.41 -4.75 18.49
CA GLU A 69 15.93 -4.67 19.87
C GLU A 69 14.67 -5.52 20.14
N GLY A 70 14.19 -6.25 19.12
CA GLY A 70 13.09 -7.19 19.29
C GLY A 70 11.73 -6.56 19.09
N ALA A 71 11.69 -5.35 18.55
CA ALA A 71 10.46 -4.65 18.24
C ALA A 71 10.00 -4.99 16.83
N ILE A 72 8.70 -5.02 16.66
CA ILE A 72 8.15 -5.16 15.31
C ILE A 72 8.25 -3.81 14.61
N TYR A 73 8.76 -3.84 13.39
CA TYR A 73 8.93 -2.64 12.60
C TYR A 73 7.59 -2.02 12.23
N THR A 74 7.62 -0.72 12.02
CA THR A 74 6.45 0.05 11.65
C THR A 74 6.81 1.02 10.54
N GLY A 75 5.79 1.61 9.95
CA GLY A 75 5.99 2.66 8.95
C GLY A 75 6.80 2.21 7.74
N ASP A 76 7.77 3.01 7.32
CA ASP A 76 8.62 2.69 6.18
C ASP A 76 9.31 1.34 6.30
N ASP A 77 9.65 0.94 7.51
CA ASP A 77 10.42 -0.30 7.72
C ASP A 77 9.59 -1.54 7.47
N LEU A 78 8.26 -1.37 7.48
CA LEU A 78 7.32 -2.42 7.11
C LEU A 78 7.31 -2.70 5.61
N MET A 79 7.61 -1.69 4.82
CA MET A 79 7.37 -1.78 3.39
C MET A 79 8.19 -2.85 2.68
N PRO A 80 9.50 -2.98 2.95
CA PRO A 80 10.26 -4.06 2.32
C PRO A 80 9.67 -5.42 2.69
N VAL A 81 9.18 -5.58 3.92
CA VAL A 81 8.58 -6.87 4.32
C VAL A 81 7.28 -7.12 3.55
N MET A 82 6.42 -6.11 3.48
CA MET A 82 5.18 -6.25 2.74
C MET A 82 5.47 -6.59 1.29
N ASN A 83 6.46 -5.93 0.68
CA ASN A 83 6.86 -6.24 -0.70
C ASN A 83 7.32 -7.67 -0.88
N ARG A 84 8.15 -8.16 0.05
CA ARG A 84 8.66 -9.53 -0.01
C ARG A 84 7.52 -10.56 0.10
N LEU A 85 6.63 -10.33 1.06
CA LEU A 85 5.51 -11.25 1.33
C LEU A 85 4.46 -11.24 0.25
N TYR A 86 4.11 -10.05 -0.27
CA TYR A 86 2.87 -9.85 -1.05
C TYR A 86 2.98 -9.06 -2.34
N GLY A 87 4.10 -8.38 -2.55
CA GLY A 87 4.19 -7.43 -3.64
C GLY A 87 3.19 -6.31 -3.41
N PHE A 88 2.94 -5.54 -4.46
CA PHE A 88 2.13 -4.34 -4.32
C PHE A 88 0.97 -4.24 -5.31
N ASN A 89 0.52 -5.37 -5.84
CA ASN A 89 -0.52 -5.42 -6.86
C ASN A 89 -1.94 -5.64 -6.29
N ASP A 90 -2.05 -6.03 -5.03
CA ASP A 90 -3.34 -6.29 -4.40
C ASP A 90 -3.70 -5.15 -3.43
N PHE A 91 -4.70 -4.35 -3.80
CA PHE A 91 -5.19 -3.24 -2.95
C PHE A 91 -5.50 -3.62 -1.50
N LYS A 92 -6.26 -4.69 -1.31
CA LYS A 92 -6.72 -5.05 0.04
C LYS A 92 -5.54 -5.41 0.96
N THR A 93 -4.56 -6.09 0.40
CA THR A 93 -3.45 -6.64 1.17
C THR A 93 -2.56 -5.47 1.51
N VAL A 94 -2.28 -4.66 0.50
CA VAL A 94 -1.49 -3.45 0.74
C VAL A 94 -2.10 -2.54 1.78
N MET A 95 -3.41 -2.29 1.70
CA MET A 95 -4.14 -1.51 2.72
C MET A 95 -4.17 -2.07 4.13
N LYS A 96 -4.03 -3.38 4.23
CA LYS A 96 -3.86 -4.03 5.49
C LYS A 96 -2.57 -3.64 6.20
N ALA A 97 -1.57 -3.17 5.46
CA ALA A 97 -0.38 -2.61 6.12
C ALA A 97 -0.71 -1.58 7.19
N LYS A 98 -1.86 -0.91 7.10
CA LYS A 98 -2.26 0.03 8.13
C LYS A 98 -2.52 -0.69 9.45
N ALA A 99 -3.32 -1.75 9.37
CA ALA A 99 -3.61 -2.59 10.54
C ALA A 99 -2.33 -3.22 11.11
N VAL A 100 -1.41 -3.66 10.26
CA VAL A 100 -0.14 -4.22 10.69
C VAL A 100 0.67 -3.18 11.46
N ASN A 101 0.75 -1.96 10.92
CA ASN A 101 1.42 -0.87 11.60
C ASN A 101 0.78 -0.55 12.95
N ASP A 102 -0.53 -0.42 12.99
CA ASP A 102 -1.27 -0.13 14.22
C ASP A 102 -1.13 -1.25 15.24
N CYS A 103 -1.20 -2.48 14.78
CA CYS A 103 -1.05 -3.60 15.69
C CYS A 103 0.35 -3.66 16.25
N ALA A 104 1.36 -3.42 15.42
CA ALA A 104 2.74 -3.36 15.88
C ALA A 104 2.88 -2.30 16.97
N ASN A 105 2.29 -1.13 16.74
CA ASN A 105 2.36 -0.07 17.75
C ASN A 105 1.68 -0.47 19.06
N GLN A 106 0.60 -1.21 18.93
CA GLN A 106 -0.21 -1.63 20.06
C GLN A 106 0.52 -2.66 20.94
N VAL A 107 1.18 -3.62 20.32
CA VAL A 107 1.85 -4.70 21.08
C VAL A 107 3.31 -4.42 21.47
N ASN A 108 3.99 -3.51 20.77
CA ASN A 108 5.43 -3.32 21.00
C ASN A 108 5.65 -2.87 22.44
N GLY A 109 6.64 -3.45 23.08
CA GLY A 109 6.97 -3.16 24.48
C GLY A 109 6.18 -3.96 25.51
N ALA A 110 4.97 -4.43 25.13
CA ALA A 110 4.00 -4.98 26.09
C ALA A 110 4.19 -6.45 26.45
N TYR A 111 5.06 -7.15 25.72
CA TYR A 111 5.23 -8.59 25.92
C TYR A 111 6.71 -8.91 25.98
N PRO A 112 7.25 -9.08 27.20
CA PRO A 112 8.66 -9.47 27.35
C PRO A 112 9.01 -10.75 26.63
N ASP A 113 8.09 -11.72 26.55
CA ASP A 113 8.37 -12.97 25.88
C ASP A 113 8.13 -12.77 24.40
N ARG A 114 9.15 -13.10 23.60
CA ARG A 114 9.13 -12.89 22.15
C ARG A 114 8.05 -13.62 21.43
N CYS A 115 7.70 -14.79 21.91
CA CYS A 115 6.69 -15.61 21.27
C CYS A 115 5.32 -15.00 21.63
N ASP A 116 5.15 -14.52 22.87
CA ASP A 116 3.94 -13.80 23.24
C ASP A 116 3.70 -12.54 22.40
N LEU A 117 4.75 -11.80 22.09
CA LEU A 117 4.65 -10.63 21.27
C LEU A 117 4.03 -11.00 19.91
N ILE A 118 4.54 -12.05 19.33
CA ILE A 118 4.06 -12.50 18.02
C ILE A 118 2.63 -13.09 18.08
N LYS A 119 2.30 -13.83 19.14
CA LYS A 119 0.93 -14.32 19.28
C LYS A 119 -0.04 -13.14 19.28
N ASN A 120 0.26 -12.14 20.11
CA ASN A 120 -0.61 -10.98 20.23
C ASN A 120 -0.65 -10.10 18.98
N PHE A 121 0.50 -9.92 18.35
CA PHE A 121 0.58 -9.24 17.04
C PHE A 121 -0.33 -9.89 16.00
N THR A 122 -0.17 -11.20 15.82
CA THR A 122 -0.90 -11.91 14.80
C THR A 122 -2.38 -11.94 15.12
N ASP A 123 -2.74 -12.07 16.39
CA ASP A 123 -4.17 -12.03 16.76
C ASP A 123 -4.75 -10.65 16.43
N CYS A 124 -4.02 -9.59 16.75
CA CYS A 124 -4.47 -8.23 16.53
C CYS A 124 -4.70 -8.02 15.03
N VAL A 125 -3.77 -8.47 14.23
CA VAL A 125 -3.90 -8.32 12.79
C VAL A 125 -5.08 -9.09 12.26
N ARG A 126 -5.29 -10.31 12.76
CA ARG A 126 -6.40 -11.14 12.32
C ARG A 126 -7.76 -10.49 12.68
N ASN A 127 -7.82 -9.83 13.84
CA ASN A 127 -9.07 -9.25 14.34
C ASN A 127 -9.40 -7.96 13.58
N SER A 128 -8.41 -7.36 12.92
CA SER A 128 -8.57 -6.08 12.21
C SER A 128 -9.28 -6.29 10.89
N TYR A 129 -10.29 -5.49 10.60
CA TYR A 129 -11.00 -5.66 9.33
C TYR A 129 -10.06 -5.32 8.16
N SER B 11 1.65 20.65 -2.51
CA SER B 11 2.29 20.32 -3.83
C SER B 11 2.68 18.84 -4.00
N SER B 12 3.80 18.56 -4.68
CA SER B 12 4.05 17.20 -5.16
C SER B 12 5.51 16.73 -4.98
N THR B 13 5.64 15.40 -4.92
CA THR B 13 6.91 14.78 -4.76
C THR B 13 7.59 14.82 -6.11
N GLN B 14 8.90 14.66 -6.06
CA GLN B 14 9.66 14.55 -7.29
C GLN B 14 9.25 13.33 -8.10
N SER B 15 8.89 12.24 -7.44
CA SER B 15 8.53 11.02 -8.15
C SER B 15 7.25 11.24 -9.00
N TYR B 16 6.29 11.98 -8.42
CA TYR B 16 5.09 12.37 -9.19
C TYR B 16 5.47 13.20 -10.41
N LYS B 17 6.35 14.18 -10.22
CA LYS B 17 6.79 15.01 -11.35
C LYS B 17 7.49 14.16 -12.43
N ASP B 18 8.31 13.20 -12.01
CA ASP B 18 9.07 12.42 -12.98
C ASP B 18 8.15 11.56 -13.80
N ALA B 19 7.10 11.04 -13.17
CA ALA B 19 6.17 10.14 -13.85
C ALA B 19 5.24 10.93 -14.76
N MET B 20 4.73 12.04 -14.22
CA MET B 20 3.67 12.79 -14.89
C MET B 20 4.19 13.77 -15.91
N GLY B 21 5.36 14.36 -15.66
CA GLY B 21 5.88 15.41 -16.50
C GLY B 21 5.91 15.10 -17.97
N PRO B 22 6.48 13.97 -18.35
CA PRO B 22 6.47 13.60 -19.76
C PRO B 22 5.07 13.46 -20.38
N LEU B 23 4.11 12.99 -19.59
CA LEU B 23 2.75 12.79 -20.06
C LEU B 23 2.03 14.12 -20.20
N VAL B 24 2.20 14.98 -19.20
CA VAL B 24 1.66 16.33 -19.24
C VAL B 24 2.18 17.07 -20.47
N ARG B 25 3.47 16.95 -20.73
CA ARG B 25 4.06 17.57 -21.92
C ARG B 25 3.37 17.08 -23.19
N GLU B 26 3.15 15.78 -23.29
CA GLU B 26 2.48 15.15 -24.45
C GLU B 26 1.06 15.72 -24.64
N CYS B 27 0.37 15.98 -23.52
CA CYS B 27 -1.01 16.45 -23.52
C CYS B 27 -1.24 17.95 -23.81
N MET B 28 -0.21 18.78 -23.68
CA MET B 28 -0.40 20.24 -23.66
C MET B 28 -1.26 20.80 -24.84
N GLY B 29 -0.88 20.46 -26.06
CA GLY B 29 -1.56 20.99 -27.22
C GLY B 29 -3.03 20.64 -27.31
N SER B 30 -3.34 19.38 -26.96
CA SER B 30 -4.69 18.85 -27.09
C SER B 30 -5.71 19.65 -26.29
N VAL B 31 -5.27 20.22 -25.17
CA VAL B 31 -6.17 20.88 -24.22
C VAL B 31 -5.93 22.39 -24.18
N SER B 32 -5.06 22.86 -25.07
CA SER B 32 -4.69 24.28 -25.18
C SER B 32 -4.18 24.84 -23.83
N ALA B 33 -3.28 24.11 -23.20
CA ALA B 33 -2.79 24.49 -21.88
C ALA B 33 -1.66 25.51 -21.98
N THR B 34 -1.53 26.35 -20.94
CA THR B 34 -0.44 27.32 -20.83
C THR B 34 0.75 26.80 -20.03
N GLU B 35 1.83 27.58 -19.99
CA GLU B 35 3.01 27.18 -19.22
C GLU B 35 2.66 27.18 -17.73
N ASP B 36 1.83 28.14 -17.28
CA ASP B 36 1.40 28.19 -15.90
C ASP B 36 0.52 26.95 -15.54
N ASP B 37 -0.28 26.44 -16.48
CA ASP B 37 -1.01 25.21 -16.25
C ASP B 37 -0.06 24.01 -16.09
N PHE B 38 1.01 23.97 -16.88
CA PHE B 38 2.03 22.94 -16.71
C PHE B 38 2.50 22.93 -15.27
N LYS B 39 2.83 24.09 -14.74
CA LYS B 39 3.36 24.19 -13.39
C LYS B 39 2.32 23.85 -12.35
N THR B 40 1.10 24.31 -12.58
CA THR B 40 0.03 23.95 -11.65
C THR B 40 -0.16 22.45 -11.53
N VAL B 41 -0.15 21.79 -12.67
CA VAL B 41 -0.39 20.37 -12.71
C VAL B 41 0.80 19.61 -12.14
N LEU B 42 2.00 19.94 -12.59
CA LEU B 42 3.18 19.25 -12.11
C LEU B 42 3.33 19.35 -10.60
N ASN B 43 2.99 20.50 -10.05
CA ASN B 43 3.09 20.77 -8.61
C ASN B 43 1.89 20.26 -7.83
N ARG B 44 0.92 19.62 -8.48
CA ARG B 44 -0.27 19.12 -7.77
C ARG B 44 -1.01 20.22 -7.03
N ASN B 45 -1.04 21.39 -7.61
CA ASN B 45 -1.73 22.53 -7.02
C ASN B 45 -3.21 22.45 -7.38
N PRO B 46 -4.04 23.18 -6.65
CA PRO B 46 -5.44 23.30 -7.04
C PRO B 46 -5.63 23.64 -8.52
N LEU B 47 -6.54 22.95 -9.18
CA LEU B 47 -6.76 23.08 -10.61
C LEU B 47 -7.82 24.12 -10.87
N GLU B 48 -7.43 25.38 -10.82
CA GLU B 48 -8.43 26.45 -10.89
C GLU B 48 -8.98 26.64 -12.30
N SER B 49 -8.10 26.67 -13.30
CA SER B 49 -8.51 26.82 -14.68
C SER B 49 -9.04 25.52 -15.26
N ARG B 50 -10.01 25.63 -16.14
CA ARG B 50 -10.50 24.42 -16.81
C ARG B 50 -9.38 23.80 -17.66
N THR B 51 -8.51 24.64 -18.23
CA THR B 51 -7.40 24.10 -19.01
C THR B 51 -6.49 23.22 -18.17
N ALA B 52 -6.20 23.63 -16.94
CA ALA B 52 -5.36 22.82 -16.04
C ALA B 52 -6.11 21.53 -15.70
N GLN B 53 -7.41 21.61 -15.48
CA GLN B 53 -8.21 20.44 -15.17
C GLN B 53 -8.17 19.44 -16.33
N CYS B 54 -8.29 19.94 -17.55
CA CYS B 54 -8.30 19.09 -18.73
C CYS B 54 -6.89 18.51 -19.01
N LEU B 55 -5.88 19.31 -18.73
CA LEU B 55 -4.50 18.89 -18.85
C LEU B 55 -4.21 17.70 -17.93
N LEU B 56 -4.56 17.83 -16.65
CA LEU B 56 -4.36 16.70 -15.73
C LEU B 56 -5.21 15.48 -16.11
N ALA B 57 -6.46 15.68 -16.49
CA ALA B 57 -7.29 14.56 -16.93
C ALA B 57 -6.64 13.82 -18.09
N CYS B 58 -6.11 14.55 -19.05
CA CYS B 58 -5.44 13.93 -20.18
C CYS B 58 -4.25 13.10 -19.70
N ALA B 59 -3.44 13.67 -18.82
CA ALA B 59 -2.24 13.00 -18.37
C ALA B 59 -2.56 11.80 -17.46
N LEU B 60 -3.63 11.88 -16.69
CA LEU B 60 -4.02 10.77 -15.80
C LEU B 60 -4.57 9.62 -16.63
N ASP B 61 -5.20 9.91 -17.76
CA ASP B 61 -5.62 8.86 -18.65
C ASP B 61 -4.34 8.16 -19.19
N LYS B 62 -3.32 8.93 -19.56
CA LYS B 62 -2.09 8.35 -20.07
C LYS B 62 -1.35 7.48 -19.02
N VAL B 63 -1.38 7.89 -17.76
CA VAL B 63 -0.71 7.18 -16.67
C VAL B 63 -1.46 5.92 -16.20
N GLY B 64 -2.70 5.74 -16.66
CA GLY B 64 -3.46 4.53 -16.39
C GLY B 64 -4.57 4.67 -15.36
N LEU B 65 -4.93 5.88 -14.97
CA LEU B 65 -5.89 6.05 -13.89
C LEU B 65 -7.37 6.11 -14.32
N ILE B 66 -7.60 6.26 -15.63
CA ILE B 66 -8.93 6.48 -16.16
C ILE B 66 -9.34 5.35 -17.07
N SER B 67 -10.52 4.83 -16.83
CA SER B 67 -11.00 3.65 -17.53
C SER B 67 -11.48 4.08 -18.92
N PRO B 68 -11.73 3.11 -19.78
CA PRO B 68 -12.23 3.43 -21.11
C PRO B 68 -13.58 4.13 -21.08
N GLU B 69 -14.37 3.92 -20.02
CA GLU B 69 -15.67 4.53 -19.84
C GLU B 69 -15.59 5.89 -19.15
N GLY B 70 -14.37 6.38 -18.91
CA GLY B 70 -14.16 7.68 -18.29
C GLY B 70 -14.31 7.78 -16.77
N ALA B 71 -14.19 6.64 -16.08
CA ALA B 71 -14.21 6.65 -14.62
C ALA B 71 -12.82 6.53 -14.05
N ILE B 72 -12.62 7.01 -12.83
CA ILE B 72 -11.37 6.78 -12.16
C ILE B 72 -11.35 5.37 -11.65
N TYR B 73 -10.24 4.71 -11.89
CA TYR B 73 -10.05 3.38 -11.39
C TYR B 73 -10.01 3.30 -9.87
N THR B 74 -10.43 2.16 -9.35
CA THR B 74 -10.44 1.90 -7.92
C THR B 74 -9.84 0.53 -7.60
N GLY B 75 -9.60 0.33 -6.31
CA GLY B 75 -9.15 -0.97 -5.83
C GLY B 75 -7.87 -1.41 -6.52
N ASP B 76 -7.82 -2.67 -6.96
CA ASP B 76 -6.62 -3.20 -7.59
C ASP B 76 -6.15 -2.40 -8.79
N ASP B 77 -7.09 -1.81 -9.52
CA ASP B 77 -6.74 -1.05 -10.72
C ASP B 77 -5.97 0.24 -10.39
N LEU B 78 -6.04 0.70 -9.15
CA LEU B 78 -5.24 1.84 -8.69
C LEU B 78 -3.78 1.49 -8.50
N MET B 79 -3.50 0.22 -8.22
CA MET B 79 -2.16 -0.15 -7.78
C MET B 79 -1.04 0.07 -8.80
N PRO B 80 -1.26 -0.25 -10.06
CA PRO B 80 -0.23 0.04 -11.06
C PRO B 80 0.03 1.54 -11.17
N VAL B 81 -1.00 2.35 -10.97
CA VAL B 81 -0.81 3.79 -11.03
C VAL B 81 0.00 4.26 -9.83
N MET B 82 -0.36 3.79 -8.64
CA MET B 82 0.39 4.15 -7.45
C MET B 82 1.87 3.79 -7.63
N ASN B 83 2.15 2.61 -8.21
CA ASN B 83 3.50 2.15 -8.40
C ASN B 83 4.26 3.09 -9.35
N ARG B 84 3.66 3.44 -10.49
CA ARG B 84 4.29 4.36 -11.43
C ARG B 84 4.59 5.72 -10.81
N LEU B 85 3.65 6.25 -10.03
CA LEU B 85 3.82 7.59 -9.48
C LEU B 85 4.76 7.65 -8.29
N TYR B 86 4.77 6.63 -7.44
CA TYR B 86 5.32 6.75 -6.09
C TYR B 86 6.14 5.56 -5.65
N GLY B 87 6.03 4.45 -6.36
CA GLY B 87 6.57 3.19 -5.89
C GLY B 87 5.90 2.77 -4.59
N PHE B 88 6.52 1.82 -3.89
CA PHE B 88 5.90 1.23 -2.70
C PHE B 88 6.83 1.23 -1.51
N ASN B 89 7.74 2.20 -1.46
CA ASN B 89 8.70 2.28 -0.35
C ASN B 89 8.33 3.28 0.75
N ASP B 90 7.47 4.24 0.46
CA ASP B 90 7.01 5.22 1.45
C ASP B 90 5.64 4.82 2.04
N PHE B 91 5.63 4.41 3.30
CA PHE B 91 4.42 4.00 3.98
C PHE B 91 3.27 5.02 3.94
N LYS B 92 3.54 6.28 4.23
CA LYS B 92 2.47 7.29 4.26
C LYS B 92 1.80 7.50 2.89
N THR B 93 2.60 7.41 1.83
CA THR B 93 2.13 7.64 0.47
C THR B 93 1.28 6.45 0.08
N VAL B 94 1.79 5.27 0.35
CA VAL B 94 1.03 4.08 0.02
C VAL B 94 -0.31 4.02 0.79
N MET B 95 -0.31 4.42 2.04
CA MET B 95 -1.50 4.47 2.87
C MET B 95 -2.55 5.49 2.40
N LYS B 96 -2.12 6.54 1.71
CA LYS B 96 -3.02 7.51 1.11
C LYS B 96 -3.88 6.87 0.01
N ALA B 97 -3.44 5.76 -0.55
CA ALA B 97 -4.24 5.09 -1.55
C ALA B 97 -5.66 4.76 -1.05
N LYS B 98 -5.86 4.67 0.26
CA LYS B 98 -7.18 4.43 0.80
C LYS B 98 -8.08 5.63 0.56
N ALA B 99 -7.62 6.79 0.93
CA ALA B 99 -8.38 8.02 0.71
C ALA B 99 -8.57 8.28 -0.78
N VAL B 100 -7.57 8.00 -1.59
CA VAL B 100 -7.68 8.08 -3.04
C VAL B 100 -8.80 7.19 -3.62
N ASN B 101 -8.80 5.92 -3.24
CA ASN B 101 -9.87 5.02 -3.58
C ASN B 101 -11.23 5.56 -3.13
N ASP B 102 -11.31 6.07 -1.91
CA ASP B 102 -12.58 6.55 -1.40
C ASP B 102 -13.04 7.78 -2.20
N CYS B 103 -12.10 8.63 -2.58
CA CYS B 103 -12.45 9.83 -3.34
C CYS B 103 -12.92 9.46 -4.74
N ALA B 104 -12.26 8.51 -5.37
CA ALA B 104 -12.67 8.03 -6.69
C ALA B 104 -14.13 7.53 -6.61
N ASN B 105 -14.44 6.78 -5.56
CA ASN B 105 -15.78 6.25 -5.40
C ASN B 105 -16.80 7.36 -5.18
N GLN B 106 -16.39 8.38 -4.46
CA GLN B 106 -17.25 9.52 -4.16
C GLN B 106 -17.54 10.34 -5.40
N VAL B 107 -16.54 10.56 -6.25
CA VAL B 107 -16.76 11.44 -7.40
C VAL B 107 -17.26 10.73 -8.65
N ASN B 108 -16.94 9.45 -8.80
CA ASN B 108 -17.37 8.70 -9.98
C ASN B 108 -18.88 8.68 -9.98
N GLY B 109 -19.43 8.96 -11.14
CA GLY B 109 -20.85 8.98 -11.32
C GLY B 109 -21.45 10.36 -11.10
N ALA B 110 -20.71 11.28 -10.49
CA ALA B 110 -21.23 12.60 -10.17
C ALA B 110 -20.81 13.65 -11.18
N TYR B 111 -19.80 13.34 -11.97
CA TYR B 111 -19.18 14.32 -12.87
C TYR B 111 -18.87 13.65 -14.22
N PRO B 112 -19.84 13.62 -15.13
CA PRO B 112 -19.59 12.98 -16.46
C PRO B 112 -18.39 13.58 -17.24
N ASP B 113 -18.14 14.87 -17.10
CA ASP B 113 -17.05 15.52 -17.83
C ASP B 113 -15.76 15.19 -17.12
N ARG B 114 -14.76 14.69 -17.84
CA ARG B 114 -13.54 14.27 -17.19
C ARG B 114 -12.77 15.38 -16.55
N CYS B 115 -12.84 16.58 -17.10
CA CYS B 115 -12.14 17.68 -16.42
C CYS B 115 -12.81 17.99 -15.09
N ASP B 116 -14.12 18.04 -15.06
CA ASP B 116 -14.83 18.24 -13.78
C ASP B 116 -14.56 17.08 -12.80
N LEU B 117 -14.58 15.86 -13.31
CA LEU B 117 -14.31 14.69 -12.49
C LEU B 117 -12.94 14.85 -11.81
N ILE B 118 -11.92 15.23 -12.57
CA ILE B 118 -10.57 15.35 -12.03
C ILE B 118 -10.44 16.56 -11.11
N LYS B 119 -11.18 17.64 -11.37
CA LYS B 119 -11.18 18.77 -10.45
C LYS B 119 -11.67 18.32 -9.10
N ASN B 120 -12.80 17.64 -9.09
CA ASN B 120 -13.41 17.20 -7.85
C ASN B 120 -12.63 16.07 -7.15
N PHE B 121 -12.09 15.14 -7.93
CA PHE B 121 -11.19 14.08 -7.41
C PHE B 121 -10.00 14.69 -6.68
N THR B 122 -9.30 15.59 -7.34
CA THR B 122 -8.08 16.22 -6.76
C THR B 122 -8.38 17.04 -5.56
N ASP B 123 -9.49 17.80 -5.60
CA ASP B 123 -9.93 18.50 -4.39
C ASP B 123 -10.21 17.51 -3.26
N CYS B 124 -10.94 16.44 -3.53
CA CYS B 124 -11.30 15.44 -2.51
C CYS B 124 -10.03 14.82 -1.88
N VAL B 125 -9.04 14.53 -2.72
CA VAL B 125 -7.80 13.87 -2.27
C VAL B 125 -7.02 14.86 -1.38
N ARG B 126 -7.05 16.12 -1.79
CA ARG B 126 -6.28 17.14 -1.08
C ARG B 126 -6.88 17.37 0.28
N ASN B 127 -8.20 17.26 0.39
CA ASN B 127 -8.93 17.50 1.62
C ASN B 127 -8.84 16.34 2.61
N SER B 128 -8.54 15.14 2.09
CA SER B 128 -8.50 13.91 2.89
C SER B 128 -7.24 13.80 3.68
N TYR B 129 -7.33 13.60 5.00
CA TYR B 129 -6.13 13.51 5.79
C TYR B 129 -5.23 12.36 5.28
#